data_9EMW
#
_entry.id   9EMW
#
_cell.length_a   135.760
_cell.length_b   135.760
_cell.length_c   87.550
_cell.angle_alpha   90.00
_cell.angle_beta   90.00
_cell.angle_gamma   120.00
#
_symmetry.space_group_name_H-M   'P 63'
#
loop_
_entity.id
_entity.type
_entity.pdbx_description
1 polymer 'Nucleoside 2-deoxyribosyltransferase'
2 non-polymer 1,4-DIDEOXY-4-AZA-1-(S)-(9-DEAZAHYPOXANTHIN-9-YL)-D-RIBITOL
3 water water
#
_entity_poly.entity_id   1
_entity_poly.type   'polypeptide(L)'
_entity_poly.pdbx_seq_one_letter_code
;MKRKIIFLASPYGFSQQQKTLLLPPIVRALEALGIEVWEPFARNNQIDFSQADWAYRVAQADLQDVKNCDGIFAVVNGTP
PDEGVMVELGMAIALNKAIFLFRDDFRRCSDNERYPLNLMLFAGLPEIGWENYYYTSVDEIQSHDKALYKWLTG
;
_entity_poly.pdbx_strand_id   A,B,C,D
#
loop_
_chem_comp.id
_chem_comp.type
_chem_comp.name
_chem_comp.formula
IMH non-polymer 1,4-DIDEOXY-4-AZA-1-(S)-(9-DEAZAHYPOXANTHIN-9-YL)-D-RIBITOL 'C11 H14 N4 O4'
#
# COMPACT_ATOMS: atom_id res chain seq x y z
N MET A 1 12.73 -28.57 -30.01
CA MET A 1 13.12 -28.00 -28.72
C MET A 1 12.46 -26.65 -28.51
N LYS A 2 11.64 -26.55 -27.46
CA LYS A 2 11.01 -25.29 -27.06
C LYS A 2 11.07 -25.19 -25.55
N ARG A 3 11.85 -24.24 -25.05
CA ARG A 3 11.99 -24.03 -23.62
C ARG A 3 10.70 -23.46 -23.04
N LYS A 4 10.44 -23.77 -21.77
CA LYS A 4 9.27 -23.24 -21.10
C LYS A 4 9.45 -21.74 -20.83
N ILE A 5 8.33 -21.03 -20.83
CA ILE A 5 8.30 -19.57 -20.78
C ILE A 5 7.70 -19.16 -19.44
N ILE A 6 8.46 -18.36 -18.68
CA ILE A 6 8.01 -17.83 -17.39
C ILE A 6 7.89 -16.31 -17.50
N PHE A 7 6.71 -15.79 -17.20
CA PHE A 7 6.48 -14.35 -17.14
C PHE A 7 6.85 -13.88 -15.73
N LEU A 8 7.93 -13.11 -15.62
CA LEU A 8 8.46 -12.66 -14.34
C LEU A 8 7.82 -11.32 -13.97
N ALA A 9 6.74 -11.39 -13.19
CA ALA A 9 6.00 -10.22 -12.76
C ALA A 9 6.58 -9.68 -11.46
N SER A 10 6.91 -8.38 -11.43
CA SER A 10 7.48 -7.78 -10.25
C SER A 10 7.28 -6.27 -10.31
N PRO A 11 7.34 -5.57 -9.18
CA PRO A 11 7.31 -4.11 -9.20
C PRO A 11 8.72 -3.51 -9.22
N TYR A 12 9.70 -4.36 -9.57
CA TYR A 12 11.09 -3.98 -9.41
C TYR A 12 11.58 -3.06 -10.52
N GLY A 13 10.86 -2.96 -11.63
CA GLY A 13 11.22 -2.02 -12.68
C GLY A 13 10.86 -0.58 -12.40
N PHE A 14 10.03 -0.33 -11.38
CA PHE A 14 9.63 1.02 -11.03
C PHE A 14 10.76 1.80 -10.36
N SER A 15 11.70 1.09 -9.73
CA SER A 15 12.83 1.69 -9.05
C SER A 15 14.09 1.45 -9.87
N GLN A 16 14.89 2.51 -10.03
CA GLN A 16 16.11 2.43 -10.82
C GLN A 16 17.12 1.45 -10.21
N GLN A 17 17.33 1.53 -8.89
CA GLN A 17 18.28 0.63 -8.24
C GLN A 17 17.75 -0.81 -8.21
N GLN A 18 16.45 -0.99 -7.98
CA GLN A 18 15.89 -2.33 -7.93
C GLN A 18 15.91 -3.00 -9.31
N LYS A 19 15.64 -2.23 -10.36
CA LYS A 19 15.67 -2.77 -11.72
C LYS A 19 17.04 -3.35 -12.05
N THR A 20 18.11 -2.65 -11.65
CA THR A 20 19.46 -3.04 -12.05
C THR A 20 20.10 -4.05 -11.11
N LEU A 21 19.64 -4.14 -9.85
CA LEU A 21 20.27 -5.00 -8.86
C LEU A 21 19.41 -6.18 -8.43
N LEU A 22 18.09 -6.06 -8.45
CA LEU A 22 17.25 -7.14 -7.93
C LEU A 22 16.71 -8.06 -9.02
N LEU A 23 16.40 -7.53 -10.20
CA LEU A 23 15.86 -8.39 -11.26
C LEU A 23 16.90 -9.31 -11.86
N PRO A 24 18.10 -8.85 -12.25
CA PRO A 24 19.06 -9.74 -12.92
C PRO A 24 19.37 -11.00 -12.12
N PRO A 25 19.57 -10.92 -10.80
CA PRO A 25 19.83 -12.18 -10.06
C PRO A 25 18.67 -13.15 -10.07
N ILE A 26 17.42 -12.66 -10.08
CA ILE A 26 16.27 -13.55 -10.19
C ILE A 26 16.19 -14.14 -11.60
N VAL A 27 16.44 -13.31 -12.62
CA VAL A 27 16.43 -13.80 -14.00
C VAL A 27 17.44 -14.93 -14.16
N ARG A 28 18.65 -14.74 -13.62
CA ARG A 28 19.67 -15.79 -13.72
C ARG A 28 19.25 -17.06 -12.99
N ALA A 29 18.54 -16.93 -11.86
CA ALA A 29 18.14 -18.12 -11.12
C ALA A 29 17.18 -18.99 -11.92
N LEU A 30 16.24 -18.37 -12.63
CA LEU A 30 15.25 -19.11 -13.40
C LEU A 30 15.85 -19.74 -14.64
N GLU A 31 16.85 -19.09 -15.24
CA GLU A 31 17.38 -19.59 -16.49
C GLU A 31 18.49 -20.61 -16.30
N ALA A 32 19.07 -20.69 -15.10
CA ALA A 32 19.87 -21.85 -14.74
C ALA A 32 19.04 -23.11 -14.70
N LEU A 33 17.71 -22.99 -14.75
CA LEU A 33 16.80 -24.12 -14.91
C LEU A 33 16.39 -24.33 -16.36
N GLY A 34 16.99 -23.61 -17.30
CA GLY A 34 16.64 -23.71 -18.70
C GLY A 34 15.43 -22.92 -19.14
N ILE A 35 14.89 -22.06 -18.28
CA ILE A 35 13.67 -21.32 -18.58
C ILE A 35 14.00 -20.12 -19.46
N GLU A 36 13.09 -19.80 -20.38
CA GLU A 36 13.13 -18.52 -21.11
C GLU A 36 12.31 -17.51 -20.32
N VAL A 37 12.98 -16.50 -19.77
CA VAL A 37 12.36 -15.55 -18.86
C VAL A 37 11.85 -14.34 -19.64
N TRP A 38 10.54 -14.14 -19.63
CA TRP A 38 9.93 -12.93 -20.15
C TRP A 38 9.84 -11.91 -19.02
N GLU A 39 10.70 -10.89 -19.07
CA GLU A 39 10.70 -9.84 -18.04
C GLU A 39 10.06 -8.59 -18.63
N PRO A 40 8.89 -8.16 -18.12
CA PRO A 40 8.09 -7.17 -18.86
C PRO A 40 8.71 -5.78 -18.98
N PHE A 41 9.51 -5.34 -18.01
CA PHE A 41 10.09 -3.99 -18.12
C PHE A 41 11.08 -3.91 -19.26
N ALA A 42 11.85 -4.96 -19.50
CA ALA A 42 12.78 -4.96 -20.62
C ALA A 42 12.07 -5.27 -21.94
N ARG A 43 11.10 -6.18 -21.91
CA ARG A 43 10.38 -6.53 -23.14
C ARG A 43 9.52 -5.36 -23.63
N ASN A 44 8.57 -4.92 -22.79
CA ASN A 44 7.69 -3.83 -23.17
C ASN A 44 8.37 -2.48 -23.10
N ASN A 45 9.63 -2.44 -22.66
CA ASN A 45 10.47 -1.26 -22.69
C ASN A 45 9.78 -0.06 -22.02
N GLN A 46 9.59 -0.23 -20.68
CA GLN A 46 8.99 0.83 -19.85
C GLN A 46 10.00 1.25 -18.79
N ILE A 47 10.58 2.43 -18.90
CA ILE A 47 11.72 2.79 -18.02
C ILE A 47 11.38 4.02 -17.21
N ASP A 48 10.34 4.71 -17.60
CA ASP A 48 9.81 5.84 -16.84
C ASP A 48 8.30 5.86 -16.99
N PHE A 49 7.68 6.90 -16.42
CA PHE A 49 6.25 7.18 -16.54
C PHE A 49 5.81 7.00 -17.98
N SER A 50 5.04 5.95 -18.25
CA SER A 50 4.63 5.66 -19.62
C SER A 50 3.74 6.79 -20.15
N GLN A 51 4.04 7.24 -21.36
CA GLN A 51 3.30 8.35 -21.94
C GLN A 51 1.85 7.95 -22.20
N ALA A 52 1.01 8.97 -22.40
CA ALA A 52 -0.42 8.73 -22.60
C ALA A 52 -0.68 7.81 -23.79
N ASP A 53 0.02 8.04 -24.89
CA ASP A 53 -0.13 7.20 -26.07
C ASP A 53 0.47 5.81 -25.91
N TRP A 54 1.30 5.58 -24.90
CA TRP A 54 2.00 4.30 -24.72
C TRP A 54 1.37 3.41 -23.68
N ALA A 55 0.46 3.92 -22.84
CA ALA A 55 0.00 3.16 -21.69
C ALA A 55 -0.86 1.97 -22.08
N TYR A 56 -1.74 2.15 -23.07
CA TYR A 56 -2.56 1.04 -23.52
C TYR A 56 -1.70 -0.05 -24.16
N ARG A 57 -0.72 0.32 -24.97
CA ARG A 57 0.11 -0.67 -25.65
C ARG A 57 0.94 -1.48 -24.66
N VAL A 58 1.38 -0.86 -23.57
CA VAL A 58 2.09 -1.59 -22.53
C VAL A 58 1.14 -2.56 -21.83
N ALA A 59 -0.07 -2.11 -21.52
CA ALA A 59 -1.05 -2.99 -20.88
C ALA A 59 -1.38 -4.18 -21.77
N GLN A 60 -1.48 -3.94 -23.09
CA GLN A 60 -1.82 -5.01 -24.02
C GLN A 60 -0.65 -5.97 -24.22
N ALA A 61 0.58 -5.45 -24.16
CA ALA A 61 1.75 -6.32 -24.27
C ALA A 61 1.88 -7.22 -23.05
N ASP A 62 1.60 -6.69 -21.85
CA ASP A 62 1.58 -7.51 -20.66
C ASP A 62 0.41 -8.50 -20.68
N LEU A 63 -0.75 -8.05 -21.17
CA LEU A 63 -1.89 -8.94 -21.33
C LEU A 63 -1.54 -10.11 -22.25
N GLN A 64 -0.86 -9.81 -23.37
CA GLN A 64 -0.55 -10.85 -24.33
C GLN A 64 0.57 -11.76 -23.84
N ASP A 65 1.55 -11.21 -23.11
CA ASP A 65 2.62 -12.05 -22.57
C ASP A 65 2.06 -13.07 -21.59
N VAL A 66 1.06 -12.68 -20.80
CA VAL A 66 0.45 -13.62 -19.85
C VAL A 66 -0.33 -14.70 -20.61
N LYS A 67 -0.98 -14.34 -21.71
CA LYS A 67 -1.71 -15.34 -22.49
C LYS A 67 -0.77 -16.34 -23.14
N ASN A 68 0.43 -15.92 -23.55
CA ASN A 68 1.32 -16.75 -24.33
C ASN A 68 2.44 -17.39 -23.51
N CYS A 69 2.45 -17.22 -22.20
CA CYS A 69 3.45 -17.85 -21.36
C CYS A 69 2.95 -19.20 -20.85
N ASP A 70 3.87 -19.98 -20.27
CA ASP A 70 3.49 -21.26 -19.69
C ASP A 70 3.24 -21.15 -18.19
N GLY A 71 4.03 -20.35 -17.49
CA GLY A 71 3.81 -20.08 -16.09
C GLY A 71 4.16 -18.65 -15.77
N ILE A 72 3.68 -18.19 -14.62
CA ILE A 72 4.03 -16.89 -14.09
C ILE A 72 4.86 -17.07 -12.83
N PHE A 73 5.83 -16.19 -12.63
CA PHE A 73 6.62 -16.11 -11.41
C PHE A 73 6.36 -14.71 -10.85
N ALA A 74 5.55 -14.64 -9.80
CA ALA A 74 5.03 -13.37 -9.28
C ALA A 74 5.81 -12.97 -8.02
N VAL A 75 6.62 -11.92 -8.14
CA VAL A 75 7.24 -11.29 -6.98
C VAL A 75 6.14 -10.57 -6.20
N VAL A 76 5.73 -11.16 -5.07
CA VAL A 76 4.61 -10.62 -4.30
C VAL A 76 5.12 -9.93 -3.04
N ASN A 77 6.29 -9.30 -3.14
CA ASN A 77 6.82 -8.51 -2.02
C ASN A 77 6.01 -7.22 -1.84
N GLY A 78 6.19 -6.61 -0.68
CA GLY A 78 5.55 -5.35 -0.37
C GLY A 78 4.27 -5.52 0.41
N THR A 79 3.87 -4.45 1.11
CA THR A 79 2.59 -4.41 1.82
C THR A 79 1.74 -3.29 1.25
N PRO A 80 0.74 -3.58 0.42
CA PRO A 80 0.37 -4.91 -0.08
C PRO A 80 1.17 -5.25 -1.33
N PRO A 81 1.04 -6.46 -1.87
CA PRO A 81 1.67 -6.76 -3.15
C PRO A 81 1.23 -5.77 -4.23
N ASP A 82 2.09 -5.61 -5.23
CA ASP A 82 1.84 -4.60 -6.26
C ASP A 82 0.59 -4.93 -7.07
N GLU A 83 -0.24 -3.91 -7.28
CA GLU A 83 -1.55 -4.13 -7.90
C GLU A 83 -1.45 -4.59 -9.35
N GLY A 84 -0.43 -4.13 -10.07
CA GLY A 84 -0.24 -4.59 -11.43
C GLY A 84 0.17 -6.05 -11.50
N VAL A 85 0.99 -6.49 -10.54
CA VAL A 85 1.36 -7.91 -10.47
C VAL A 85 0.14 -8.75 -10.14
N MET A 86 -0.80 -8.19 -9.36
CA MET A 86 -1.97 -8.95 -8.94
C MET A 86 -2.96 -9.14 -10.09
N VAL A 87 -3.16 -8.10 -10.90
CA VAL A 87 -4.01 -8.23 -12.09
C VAL A 87 -3.48 -9.33 -12.98
N GLU A 88 -2.15 -9.37 -13.18
CA GLU A 88 -1.55 -10.36 -14.06
C GLU A 88 -1.52 -11.74 -13.41
N LEU A 89 -1.47 -11.78 -12.08
CA LEU A 89 -1.58 -13.06 -11.38
C LEU A 89 -2.97 -13.67 -11.57
N GLY A 90 -4.01 -12.84 -11.44
CA GLY A 90 -5.36 -13.34 -11.64
C GLY A 90 -5.64 -13.79 -13.05
N MET A 91 -5.01 -13.14 -14.04
CA MET A 91 -5.14 -13.58 -15.42
C MET A 91 -4.47 -14.94 -15.60
N ALA A 92 -3.34 -15.17 -14.93
CA ALA A 92 -2.66 -16.45 -15.08
C ALA A 92 -3.46 -17.58 -14.43
N ILE A 93 -4.19 -17.28 -13.36
CA ILE A 93 -5.04 -18.28 -12.72
C ILE A 93 -6.20 -18.66 -13.64
N ALA A 94 -6.89 -17.66 -14.18
CA ALA A 94 -8.03 -17.91 -15.05
C ALA A 94 -7.64 -18.61 -16.35
N LEU A 95 -6.37 -18.53 -16.74
CA LEU A 95 -5.90 -19.14 -17.98
C LEU A 95 -5.10 -20.42 -17.73
N ASN A 96 -5.16 -20.96 -16.51
CA ASN A 96 -4.59 -22.28 -16.19
C ASN A 96 -3.10 -22.35 -16.49
N LYS A 97 -2.40 -21.26 -16.19
CA LYS A 97 -0.94 -21.26 -16.24
C LYS A 97 -0.38 -21.85 -14.95
N ALA A 98 0.86 -22.34 -15.03
CA ALA A 98 1.56 -22.72 -13.82
C ALA A 98 1.84 -21.47 -12.98
N ILE A 99 1.61 -21.58 -11.67
CA ILE A 99 1.65 -20.44 -10.76
C ILE A 99 2.77 -20.64 -9.75
N PHE A 100 3.62 -19.63 -9.61
CA PHE A 100 4.69 -19.63 -8.60
C PHE A 100 4.79 -18.25 -7.98
N LEU A 101 4.92 -18.20 -6.66
CA LEU A 101 4.96 -16.95 -5.92
C LEU A 101 6.30 -16.81 -5.21
N PHE A 102 6.74 -15.56 -5.05
CA PHE A 102 8.03 -15.27 -4.42
C PHE A 102 7.85 -14.12 -3.44
N ARG A 103 8.26 -14.34 -2.18
CA ARG A 103 8.19 -13.28 -1.17
C ARG A 103 9.26 -13.54 -0.12
N ASP A 104 10.38 -12.81 -0.20
CA ASP A 104 11.40 -12.81 0.84
C ASP A 104 11.19 -11.68 1.85
N ASP A 105 9.99 -11.11 1.89
CA ASP A 105 9.61 -10.08 2.85
C ASP A 105 9.00 -10.75 4.07
N PHE A 106 9.58 -10.51 5.25
CA PHE A 106 9.10 -11.22 6.44
C PHE A 106 7.88 -10.57 7.07
N ARG A 107 7.43 -9.43 6.57
CA ARG A 107 6.19 -8.84 7.07
C ARG A 107 5.01 -9.67 6.59
N ARG A 108 4.01 -9.81 7.45
CA ARG A 108 2.78 -10.53 7.13
C ARG A 108 1.68 -9.52 6.84
N CYS A 109 1.11 -9.61 5.64
CA CYS A 109 0.01 -8.73 5.21
C CYS A 109 -1.11 -9.63 4.70
N SER A 110 -1.91 -10.15 5.62
CA SER A 110 -2.86 -11.21 5.34
C SER A 110 -4.23 -10.91 5.92
N ASP A 111 -5.24 -11.60 5.39
CA ASP A 111 -6.60 -11.54 5.92
C ASP A 111 -7.06 -12.89 6.48
N ASN A 112 -6.12 -13.75 6.87
CA ASN A 112 -6.44 -15.08 7.36
C ASN A 112 -5.22 -15.61 8.11
N GLU A 113 -5.35 -16.82 8.68
CA GLU A 113 -4.26 -17.43 9.42
C GLU A 113 -3.53 -18.52 8.65
N ARG A 114 -4.07 -18.95 7.51
CA ARG A 114 -3.50 -20.06 6.75
C ARG A 114 -2.42 -19.62 5.78
N TYR A 115 -2.50 -18.40 5.26
CA TYR A 115 -1.58 -17.89 4.27
C TYR A 115 -0.91 -16.60 4.74
N PRO A 116 0.34 -16.36 4.35
CA PRO A 116 1.01 -15.11 4.75
C PRO A 116 0.47 -13.88 4.05
N LEU A 117 -0.36 -14.03 3.03
CA LEU A 117 -0.91 -12.88 2.32
C LEU A 117 -2.41 -13.00 2.16
N ASN A 118 -3.02 -12.13 1.37
CA ASN A 118 -4.43 -12.27 1.03
C ASN A 118 -4.68 -13.64 0.40
N LEU A 119 -5.77 -14.28 0.82
CA LEU A 119 -6.04 -15.66 0.42
C LEU A 119 -6.31 -15.79 -1.07
N MET A 120 -6.71 -14.71 -1.75
CA MET A 120 -7.00 -14.81 -3.18
C MET A 120 -5.73 -15.06 -4.00
N LEU A 121 -4.57 -14.65 -3.49
CA LEU A 121 -3.32 -14.90 -4.20
C LEU A 121 -3.00 -16.39 -4.30
N PHE A 122 -3.72 -17.23 -3.56
CA PHE A 122 -3.45 -18.66 -3.52
C PHE A 122 -4.58 -19.48 -4.10
N ALA A 123 -5.57 -18.83 -4.73
CA ALA A 123 -6.71 -19.55 -5.28
C ALA A 123 -6.31 -20.47 -6.42
N GLY A 124 -5.23 -20.15 -7.13
CA GLY A 124 -4.76 -21.00 -8.20
C GLY A 124 -3.84 -22.11 -7.80
N LEU A 125 -3.63 -22.30 -6.50
CA LEU A 125 -2.73 -23.31 -5.96
C LEU A 125 -3.51 -24.38 -5.22
N PRO A 126 -2.95 -25.58 -5.08
CA PRO A 126 -3.65 -26.66 -4.36
C PRO A 126 -3.93 -26.28 -2.92
N GLU A 127 -4.94 -26.94 -2.35
CA GLU A 127 -5.29 -26.69 -0.96
C GLU A 127 -4.20 -27.16 -0.02
N ILE A 128 -3.64 -28.35 -0.28
CA ILE A 128 -2.54 -28.91 0.50
C ILE A 128 -1.29 -28.90 -0.37
N GLY A 129 -0.20 -28.39 0.19
CA GLY A 129 1.05 -28.32 -0.54
C GLY A 129 1.27 -27.04 -1.33
N TRP A 130 0.57 -25.96 -0.98
CA TRP A 130 0.79 -24.70 -1.66
C TRP A 130 2.16 -24.12 -1.34
N GLU A 131 2.72 -24.46 -0.18
CA GLU A 131 4.03 -23.95 0.22
C GLU A 131 5.12 -24.37 -0.76
N ASN A 132 4.91 -25.47 -1.48
CA ASN A 132 5.87 -25.91 -2.48
C ASN A 132 6.02 -24.93 -3.64
N TYR A 133 5.01 -24.09 -3.86
CA TYR A 133 5.02 -23.08 -4.91
C TYR A 133 5.40 -21.71 -4.39
N TYR A 134 5.70 -21.59 -3.10
CA TYR A 134 5.93 -20.32 -2.42
C TYR A 134 7.40 -20.23 -2.03
N TYR A 135 8.15 -19.41 -2.77
CA TYR A 135 9.58 -19.25 -2.56
C TYR A 135 9.84 -18.04 -1.67
N THR A 136 10.73 -18.20 -0.69
CA THR A 136 11.04 -17.14 0.26
C THR A 136 12.49 -16.68 0.17
N SER A 137 13.25 -17.16 -0.82
CA SER A 137 14.61 -16.68 -1.04
C SER A 137 15.00 -16.98 -2.47
N VAL A 138 15.97 -16.22 -2.98
CA VAL A 138 16.48 -16.45 -4.33
C VAL A 138 17.23 -17.77 -4.42
N ASP A 139 17.90 -18.18 -3.34
CA ASP A 139 18.58 -19.47 -3.34
C ASP A 139 17.60 -20.63 -3.46
N GLU A 140 16.40 -20.47 -2.88
CA GLU A 140 15.37 -21.50 -2.90
C GLU A 140 14.81 -21.75 -4.30
N ILE A 141 15.06 -20.86 -5.26
CA ILE A 141 14.41 -20.95 -6.57
C ILE A 141 14.83 -22.23 -7.30
N GLN A 142 16.07 -22.66 -7.12
CA GLN A 142 16.60 -23.80 -7.86
C GLN A 142 16.55 -25.09 -7.06
N SER A 143 15.74 -25.14 -6.01
CA SER A 143 15.63 -26.34 -5.21
C SER A 143 14.94 -27.45 -6.00
N HIS A 144 15.61 -28.59 -6.12
CA HIS A 144 15.07 -29.71 -6.88
C HIS A 144 13.87 -30.36 -6.19
N ASP A 145 13.56 -29.97 -4.95
CA ASP A 145 12.40 -30.47 -4.23
C ASP A 145 11.20 -29.53 -4.27
N LYS A 146 11.32 -28.38 -4.93
CA LYS A 146 10.23 -27.40 -5.00
C LYS A 146 9.48 -27.52 -6.32
N ALA A 147 8.34 -26.84 -6.38
CA ALA A 147 7.36 -27.08 -7.45
C ALA A 147 7.87 -26.62 -8.82
N LEU A 148 8.70 -25.56 -8.87
CA LEU A 148 9.13 -25.06 -10.17
C LEU A 148 10.05 -26.06 -10.86
N TYR A 149 10.97 -26.66 -10.12
CA TYR A 149 11.84 -27.69 -10.70
C TYR A 149 11.02 -28.90 -11.13
N LYS A 150 10.11 -29.35 -10.28
CA LYS A 150 9.29 -30.52 -10.62
C LYS A 150 8.33 -30.25 -11.77
N TRP A 151 7.97 -28.99 -12.01
CA TRP A 151 7.15 -28.64 -13.15
C TRP A 151 7.94 -28.69 -14.46
N LEU A 152 9.25 -28.44 -14.41
CA LEU A 152 10.07 -28.49 -15.61
C LEU A 152 10.46 -29.91 -15.98
N THR A 153 10.72 -30.75 -14.98
CA THR A 153 11.18 -32.10 -15.22
C THR A 153 10.03 -33.11 -15.27
N GLY A 154 8.93 -32.84 -14.58
CA GLY A 154 7.80 -33.76 -14.52
C GLY A 154 7.06 -33.89 -15.84
N MET B 1 37.85 16.32 12.64
CA MET B 1 37.14 15.09 12.28
C MET B 1 35.76 15.12 12.96
N LYS B 2 35.11 16.29 13.00
CA LYS B 2 33.68 16.28 13.35
C LYS B 2 32.88 15.77 12.17
N ARG B 3 31.77 15.08 12.47
CA ARG B 3 31.10 14.24 11.47
C ARG B 3 29.62 14.16 11.75
N LYS B 4 28.81 14.62 10.79
CA LYS B 4 27.36 14.69 10.97
C LYS B 4 26.73 13.30 10.90
N ILE B 5 25.67 13.11 11.70
CA ILE B 5 24.99 11.83 11.83
C ILE B 5 23.69 11.87 11.04
N ILE B 6 23.47 10.85 10.21
CA ILE B 6 22.26 10.70 9.41
C ILE B 6 21.61 9.37 9.75
N PHE B 7 20.32 9.41 10.08
CA PHE B 7 19.52 8.22 10.29
C PHE B 7 18.88 7.81 8.96
N LEU B 8 19.18 6.60 8.48
CA LEU B 8 18.77 6.12 7.16
C LEU B 8 17.50 5.27 7.32
N ALA B 9 16.34 5.88 7.11
CA ALA B 9 15.07 5.18 7.20
C ALA B 9 14.72 4.58 5.85
N SER B 10 14.42 3.27 5.84
CA SER B 10 14.07 2.60 4.59
C SER B 10 13.31 1.33 4.92
N PRO B 11 12.47 0.84 4.02
CA PRO B 11 11.85 -0.49 4.20
C PRO B 11 12.69 -1.63 3.67
N TYR B 12 13.96 -1.38 3.36
CA TYR B 12 14.79 -2.33 2.63
C TYR B 12 15.25 -3.51 3.47
N GLY B 13 15.23 -3.37 4.80
CA GLY B 13 15.61 -4.48 5.66
C GLY B 13 14.56 -5.56 5.81
N PHE B 14 13.33 -5.31 5.33
CA PHE B 14 12.27 -6.29 5.39
C PHE B 14 12.42 -7.40 4.35
N SER B 15 13.14 -7.15 3.27
CA SER B 15 13.41 -8.15 2.24
C SER B 15 14.87 -8.57 2.30
N GLN B 16 15.12 -9.88 2.19
CA GLN B 16 16.47 -10.39 2.29
C GLN B 16 17.36 -9.84 1.18
N GLN B 17 16.85 -9.88 -0.06
CA GLN B 17 17.63 -9.41 -1.20
C GLN B 17 17.81 -7.90 -1.19
N GLN B 18 16.81 -7.15 -0.69
CA GLN B 18 16.93 -5.70 -0.64
C GLN B 18 17.95 -5.26 0.41
N LYS B 19 17.95 -5.93 1.56
CA LYS B 19 18.90 -5.60 2.62
C LYS B 19 20.34 -5.84 2.16
N THR B 20 20.55 -6.85 1.32
CA THR B 20 21.90 -7.22 0.91
C THR B 20 22.41 -6.35 -0.23
N LEU B 21 21.54 -6.03 -1.20
CA LEU B 21 21.98 -5.40 -2.44
C LEU B 21 21.64 -3.93 -2.56
N LEU B 22 20.60 -3.44 -1.88
CA LEU B 22 20.19 -2.05 -2.04
C LEU B 22 20.74 -1.12 -0.97
N LEU B 23 20.78 -1.56 0.30
CA LEU B 23 21.25 -0.67 1.36
C LEU B 23 22.74 -0.36 1.27
N PRO B 24 23.64 -1.33 1.05
CA PRO B 24 25.08 -1.02 1.03
C PRO B 24 25.43 0.09 0.04
N PRO B 25 24.89 0.08 -1.19
CA PRO B 25 25.22 1.21 -2.09
C PRO B 25 24.77 2.56 -1.56
N ILE B 26 23.65 2.63 -0.84
CA ILE B 26 23.19 3.91 -0.32
C ILE B 26 24.06 4.37 0.85
N VAL B 27 24.36 3.47 1.77
CA VAL B 27 25.27 3.77 2.88
C VAL B 27 26.62 4.25 2.35
N ARG B 28 27.12 3.60 1.29
CA ARG B 28 28.38 4.00 0.68
C ARG B 28 28.33 5.43 0.19
N ALA B 29 27.27 5.79 -0.54
CA ALA B 29 27.17 7.13 -1.12
C ALA B 29 27.11 8.20 -0.02
N LEU B 30 26.46 7.88 1.10
CA LEU B 30 26.43 8.82 2.22
C LEU B 30 27.80 8.92 2.89
N GLU B 31 28.44 7.78 3.13
CA GLU B 31 29.76 7.80 3.76
C GLU B 31 30.79 8.51 2.89
N ALA B 32 30.61 8.50 1.57
CA ALA B 32 31.54 9.22 0.70
C ALA B 32 31.41 10.73 0.84
N LEU B 33 30.34 11.20 1.48
CA LEU B 33 30.19 12.62 1.82
C LEU B 33 30.69 12.93 3.22
N GLY B 34 31.49 12.04 3.81
CA GLY B 34 31.92 12.19 5.19
C GLY B 34 30.82 12.05 6.21
N ILE B 35 29.65 11.57 5.82
CA ILE B 35 28.52 11.45 6.74
C ILE B 35 28.69 10.22 7.61
N GLU B 36 28.15 10.28 8.83
CA GLU B 36 28.10 9.17 9.75
C GLU B 36 26.70 8.56 9.71
N VAL B 37 26.59 7.30 9.28
CA VAL B 37 25.31 6.69 8.94
C VAL B 37 24.88 5.76 10.06
N TRP B 38 23.72 6.06 10.65
CA TRP B 38 23.03 5.14 11.57
C TRP B 38 21.96 4.41 10.78
N GLU B 39 22.15 3.12 10.58
CA GLU B 39 21.22 2.30 9.81
C GLU B 39 20.45 1.39 10.76
N PRO B 40 19.14 1.53 10.86
CA PRO B 40 18.41 0.85 11.96
C PRO B 40 18.42 -0.67 11.88
N PHE B 41 18.38 -1.25 10.68
CA PHE B 41 18.40 -2.70 10.59
C PHE B 41 19.74 -3.27 11.04
N ALA B 42 20.83 -2.58 10.72
CA ALA B 42 22.15 -3.03 11.17
C ALA B 42 22.33 -2.84 12.67
N ARG B 43 21.69 -1.83 13.25
CA ARG B 43 21.86 -1.50 14.66
C ARG B 43 20.91 -2.25 15.59
N ASN B 44 19.78 -2.72 15.09
CA ASN B 44 18.77 -3.33 15.94
C ASN B 44 18.72 -4.84 15.85
N ASN B 45 19.46 -5.45 14.93
CA ASN B 45 19.48 -6.90 14.73
C ASN B 45 18.08 -7.45 14.41
N GLN B 46 17.24 -6.63 13.76
CA GLN B 46 15.89 -7.05 13.37
C GLN B 46 15.99 -7.80 12.04
N ILE B 47 16.00 -9.14 12.11
CA ILE B 47 16.23 -9.97 10.94
C ILE B 47 15.02 -10.81 10.54
N ASP B 48 14.00 -10.91 11.39
CA ASP B 48 12.78 -11.62 11.03
C ASP B 48 11.62 -10.96 11.80
N PHE B 49 10.53 -11.71 11.97
CA PHE B 49 9.43 -11.26 12.82
C PHE B 49 9.92 -11.04 14.25
N SER B 50 9.90 -9.79 14.71
CA SER B 50 10.38 -9.47 16.04
C SER B 50 9.50 -10.14 17.10
N GLN B 51 10.14 -10.66 18.15
CA GLN B 51 9.41 -11.25 19.26
C GLN B 51 8.55 -10.19 19.95
N ALA B 52 7.60 -10.66 20.76
CA ALA B 52 6.74 -9.74 21.50
C ALA B 52 7.56 -8.90 22.48
N ASP B 53 8.47 -9.54 23.22
CA ASP B 53 9.31 -8.81 24.17
C ASP B 53 10.42 -8.02 23.48
N TRP B 54 10.80 -8.39 22.25
CA TRP B 54 11.81 -7.69 21.50
C TRP B 54 11.26 -6.51 20.69
N ALA B 55 9.95 -6.49 20.42
CA ALA B 55 9.38 -5.47 19.54
C ALA B 55 9.45 -4.09 20.18
N TYR B 56 9.17 -4.01 21.49
CA TYR B 56 9.24 -2.71 22.15
C TYR B 56 10.68 -2.20 22.21
N ARG B 57 11.67 -3.08 22.33
CA ARG B 57 13.06 -2.66 22.28
C ARG B 57 13.39 -2.00 20.95
N VAL B 58 12.99 -2.64 19.85
CA VAL B 58 13.22 -2.08 18.52
C VAL B 58 12.54 -0.71 18.39
N ALA B 59 11.33 -0.59 18.94
CA ALA B 59 10.61 0.67 18.89
C ALA B 59 11.42 1.79 19.56
N GLN B 60 11.93 1.53 20.76
CA GLN B 60 12.69 2.55 21.47
C GLN B 60 14.06 2.80 20.87
N ALA B 61 14.63 1.82 20.16
CA ALA B 61 15.89 2.05 19.47
C ALA B 61 15.71 2.97 18.26
N ASP B 62 14.73 2.66 17.39
CA ASP B 62 14.43 3.58 16.29
C ASP B 62 14.09 4.97 16.83
N LEU B 63 13.47 5.05 18.02
CA LEU B 63 13.04 6.33 18.57
C LEU B 63 14.23 7.16 19.08
N GLN B 64 15.15 6.54 19.82
CA GLN B 64 16.28 7.29 20.35
C GLN B 64 17.22 7.75 19.25
N ASP B 65 17.41 6.92 18.22
CA ASP B 65 18.32 7.28 17.15
C ASP B 65 17.81 8.50 16.36
N VAL B 66 16.50 8.56 16.13
CA VAL B 66 15.94 9.74 15.47
C VAL B 66 16.12 10.98 16.34
N LYS B 67 15.90 10.83 17.66
CA LYS B 67 16.01 11.95 18.57
C LYS B 67 17.45 12.45 18.71
N ASN B 68 18.44 11.60 18.46
CA ASN B 68 19.84 11.96 18.66
C ASN B 68 20.60 12.13 17.36
N CYS B 69 19.92 12.24 16.23
CA CYS B 69 20.58 12.44 14.95
C CYS B 69 20.60 13.92 14.59
N ASP B 70 21.37 14.24 13.56
CA ASP B 70 21.40 15.59 13.01
C ASP B 70 20.48 15.73 11.81
N GLY B 71 20.18 14.63 11.13
CA GLY B 71 19.25 14.65 10.02
C GLY B 71 18.80 13.26 9.69
N ILE B 72 17.64 13.18 9.04
CA ILE B 72 17.10 11.92 8.56
C ILE B 72 17.24 11.89 7.04
N PHE B 73 17.57 10.71 6.51
CA PHE B 73 17.60 10.44 5.07
C PHE B 73 16.57 9.33 4.85
N ALA B 74 15.39 9.71 4.35
CA ALA B 74 14.25 8.82 4.29
C ALA B 74 14.10 8.27 2.87
N VAL B 75 14.24 6.95 2.74
CA VAL B 75 13.94 6.27 1.48
C VAL B 75 12.42 6.13 1.41
N VAL B 76 11.79 6.94 0.56
CA VAL B 76 10.34 7.01 0.48
C VAL B 76 9.87 6.40 -0.83
N ASN B 77 10.45 5.26 -1.19
CA ASN B 77 9.98 4.47 -2.31
C ASN B 77 8.70 3.72 -1.94
N GLY B 78 8.07 3.15 -2.95
CA GLY B 78 6.89 2.33 -2.76
C GLY B 78 5.61 3.13 -2.81
N THR B 79 4.52 2.44 -3.15
CA THR B 79 3.19 3.03 -3.18
C THR B 79 2.31 2.32 -2.15
N PRO B 80 2.13 2.90 -0.96
CA PRO B 80 2.70 4.16 -0.48
C PRO B 80 4.04 3.93 0.23
N PRO B 81 4.73 4.98 0.64
CA PRO B 81 5.96 4.79 1.43
C PRO B 81 5.69 4.05 2.72
N ASP B 82 6.74 3.39 3.21
CA ASP B 82 6.63 2.54 4.41
C ASP B 82 6.19 3.35 5.62
N GLU B 83 5.20 2.83 6.35
CA GLU B 83 4.60 3.58 7.44
C GLU B 83 5.57 3.79 8.61
N GLY B 84 6.46 2.82 8.85
CA GLY B 84 7.48 3.03 9.88
C GLY B 84 8.45 4.12 9.51
N VAL B 85 8.79 4.21 8.21
CA VAL B 85 9.60 5.33 7.74
C VAL B 85 8.86 6.64 7.94
N MET B 86 7.54 6.62 7.73
CA MET B 86 6.74 7.84 7.85
C MET B 86 6.63 8.29 9.29
N VAL B 87 6.51 7.36 10.23
CA VAL B 87 6.50 7.71 11.65
C VAL B 87 7.83 8.36 12.02
N GLU B 88 8.94 7.70 11.66
CA GLU B 88 10.27 8.21 11.97
C GLU B 88 10.54 9.52 11.24
N LEU B 89 9.89 9.74 10.09
CA LEU B 89 10.05 11.02 9.39
C LEU B 89 9.34 12.15 10.12
N GLY B 90 8.13 11.89 10.62
CA GLY B 90 7.40 12.92 11.35
C GLY B 90 8.06 13.28 12.67
N MET B 91 8.70 12.31 13.32
CA MET B 91 9.50 12.61 14.50
C MET B 91 10.59 13.61 14.18
N ALA B 92 11.32 13.39 13.08
CA ALA B 92 12.45 14.26 12.74
C ALA B 92 11.96 15.66 12.39
N ILE B 93 10.83 15.77 11.70
CA ILE B 93 10.27 17.08 11.41
C ILE B 93 9.90 17.79 12.71
N ALA B 94 9.28 17.06 13.64
CA ALA B 94 8.86 17.66 14.89
C ALA B 94 10.05 18.07 15.77
N LEU B 95 11.17 17.37 15.64
CA LEU B 95 12.38 17.69 16.39
C LEU B 95 13.33 18.61 15.62
N ASN B 96 12.83 19.26 14.57
CA ASN B 96 13.60 20.25 13.80
C ASN B 96 14.89 19.66 13.24
N LYS B 97 14.90 18.35 12.99
CA LYS B 97 16.05 17.72 12.36
C LYS B 97 16.12 18.11 10.89
N ALA B 98 17.31 17.95 10.32
CA ALA B 98 17.46 18.11 8.87
C ALA B 98 16.75 16.97 8.16
N ILE B 99 16.11 17.29 7.03
CA ILE B 99 15.25 16.35 6.31
C ILE B 99 15.78 16.20 4.89
N PHE B 100 15.94 14.96 4.45
CA PHE B 100 16.31 14.64 3.07
C PHE B 100 15.53 13.41 2.64
N LEU B 101 14.99 13.45 1.42
CA LEU B 101 14.09 12.42 0.92
C LEU B 101 14.68 11.77 -0.32
N PHE B 102 14.49 10.45 -0.44
CA PHE B 102 15.02 9.69 -1.56
C PHE B 102 13.93 8.83 -2.17
N ARG B 103 13.76 8.94 -3.48
CA ARG B 103 12.78 8.15 -4.20
C ARG B 103 13.22 8.04 -5.65
N ASP B 104 13.73 6.88 -6.04
CA ASP B 104 14.02 6.58 -7.45
C ASP B 104 12.88 5.77 -8.10
N ASP B 105 11.71 5.77 -7.48
CA ASP B 105 10.50 5.17 -8.02
C ASP B 105 9.75 6.21 -8.83
N PHE B 106 9.45 5.89 -10.09
CA PHE B 106 8.83 6.88 -10.96
C PHE B 106 7.31 6.92 -10.87
N ARG B 107 6.70 6.02 -10.08
CA ARG B 107 5.27 6.09 -9.84
C ARG B 107 4.93 7.32 -9.00
N ARG B 108 3.82 7.97 -9.34
CA ARG B 108 3.32 9.11 -8.59
C ARG B 108 2.21 8.64 -7.66
N CYS B 109 2.40 8.82 -6.36
CA CYS B 109 1.42 8.45 -5.34
C CYS B 109 1.16 9.68 -4.47
N SER B 110 0.35 10.59 -4.99
CA SER B 110 0.20 11.93 -4.43
C SER B 110 -1.26 12.30 -4.25
N ASP B 111 -1.49 13.25 -3.34
CA ASP B 111 -2.80 13.87 -3.13
C ASP B 111 -2.86 15.30 -3.68
N ASN B 112 -1.82 15.75 -4.39
CA ASN B 112 -1.74 17.10 -4.91
C ASN B 112 -0.99 17.05 -6.23
N GLU B 113 -0.67 18.22 -6.78
CA GLU B 113 0.10 18.30 -8.02
C GLU B 113 1.50 18.88 -7.84
N ARG B 114 1.74 19.61 -6.75
CA ARG B 114 3.06 20.20 -6.52
C ARG B 114 4.10 19.11 -6.30
N TYR B 115 3.86 18.22 -5.34
CA TYR B 115 4.74 17.18 -4.84
C TYR B 115 4.39 15.83 -5.46
N PRO B 116 5.36 14.92 -5.59
CA PRO B 116 5.09 13.59 -6.12
C PRO B 116 4.53 12.61 -5.11
N LEU B 117 4.42 13.01 -3.84
CA LEU B 117 3.86 12.17 -2.78
C LEU B 117 2.89 13.02 -1.96
N ASN B 118 2.33 12.41 -0.91
CA ASN B 118 1.49 13.13 0.02
C ASN B 118 2.18 14.39 0.51
N LEU B 119 1.43 15.49 0.56
CA LEU B 119 2.01 16.80 0.88
C LEU B 119 2.64 16.85 2.27
N MET B 120 2.22 16.00 3.20
CA MET B 120 2.78 16.04 4.54
C MET B 120 4.21 15.56 4.60
N LEU B 121 4.66 14.76 3.63
CA LEU B 121 6.05 14.33 3.62
C LEU B 121 7.01 15.47 3.32
N PHE B 122 6.51 16.61 2.87
CA PHE B 122 7.33 17.76 2.53
C PHE B 122 7.09 18.93 3.49
N ALA B 123 6.40 18.70 4.61
CA ALA B 123 6.10 19.77 5.54
C ALA B 123 7.37 20.35 6.15
N GLY B 124 8.34 19.50 6.49
CA GLY B 124 9.60 19.97 7.03
C GLY B 124 10.55 20.58 6.02
N LEU B 125 10.16 20.65 4.76
CA LEU B 125 10.99 21.19 3.69
C LEU B 125 10.53 22.58 3.32
N PRO B 126 11.40 23.37 2.69
CA PRO B 126 11.00 24.72 2.28
C PRO B 126 9.90 24.69 1.21
N GLU B 127 9.06 25.72 1.25
CA GLU B 127 8.02 25.86 0.23
C GLU B 127 8.62 25.99 -1.17
N ILE B 128 9.71 26.76 -1.28
CA ILE B 128 10.45 26.90 -2.53
C ILE B 128 11.75 26.11 -2.41
N GLY B 129 12.20 25.58 -3.55
CA GLY B 129 13.44 24.82 -3.58
C GLY B 129 13.44 23.56 -2.76
N TRP B 130 12.27 22.94 -2.53
CA TRP B 130 12.22 21.65 -1.85
C TRP B 130 12.83 20.55 -2.70
N GLU B 131 12.86 20.72 -4.02
CA GLU B 131 13.44 19.71 -4.90
C GLU B 131 14.92 19.49 -4.61
N ASN B 132 15.59 20.50 -4.06
CA ASN B 132 17.00 20.38 -3.72
C ASN B 132 17.24 19.37 -2.62
N TYR B 133 16.22 19.09 -1.79
CA TYR B 133 16.30 18.08 -0.76
C TYR B 133 15.78 16.72 -1.22
N TYR B 134 15.33 16.62 -2.49
CA TYR B 134 14.65 15.43 -3.01
C TYR B 134 15.58 14.73 -3.98
N TYR B 135 16.00 13.52 -3.61
CA TYR B 135 16.96 12.76 -4.40
C TYR B 135 16.25 11.64 -5.15
N THR B 136 16.53 11.51 -6.45
CA THR B 136 15.86 10.54 -7.30
C THR B 136 16.80 9.48 -7.85
N SER B 137 18.01 9.35 -7.31
CA SER B 137 19.01 8.43 -7.83
C SER B 137 20.13 8.29 -6.80
N VAL B 138 20.74 7.10 -6.77
CA VAL B 138 21.91 6.94 -5.92
C VAL B 138 23.07 7.78 -6.43
N ASP B 139 23.19 7.95 -7.75
CA ASP B 139 24.26 8.75 -8.32
C ASP B 139 24.12 10.23 -8.00
N GLU B 140 22.94 10.67 -7.59
CA GLU B 140 22.68 12.08 -7.30
C GLU B 140 23.07 12.47 -5.87
N ILE B 141 23.35 11.51 -5.01
CA ILE B 141 23.68 11.82 -3.62
C ILE B 141 24.99 12.60 -3.53
N GLN B 142 25.91 12.36 -4.47
CA GLN B 142 27.22 13.01 -4.47
C GLN B 142 27.16 14.47 -4.91
N SER B 143 26.04 14.91 -5.49
CA SER B 143 25.98 16.22 -6.13
C SER B 143 26.21 17.34 -5.13
N HIS B 144 27.29 18.11 -5.35
CA HIS B 144 27.57 19.27 -4.53
C HIS B 144 26.53 20.38 -4.70
N ASP B 145 25.70 20.30 -5.74
CA ASP B 145 24.65 21.27 -5.98
C ASP B 145 23.35 20.93 -5.26
N LYS B 146 23.35 19.90 -4.41
CA LYS B 146 22.14 19.48 -3.71
C LYS B 146 22.32 19.62 -2.20
N ALA B 147 21.18 19.57 -1.51
CA ALA B 147 21.08 20.11 -0.15
C ALA B 147 21.93 19.33 0.85
N LEU B 148 22.17 18.04 0.60
CA LEU B 148 22.94 17.24 1.55
C LEU B 148 24.36 17.74 1.67
N TYR B 149 25.03 17.94 0.53
CA TYR B 149 26.39 18.49 0.56
C TYR B 149 26.41 19.87 1.22
N LYS B 150 25.41 20.69 0.92
CA LYS B 150 25.39 22.04 1.48
C LYS B 150 25.23 22.01 3.00
N TRP B 151 24.37 21.13 3.50
CA TRP B 151 24.18 21.00 4.94
C TRP B 151 25.46 20.57 5.64
N LEU B 152 26.33 19.83 4.94
CA LEU B 152 27.61 19.43 5.52
C LEU B 152 28.64 20.56 5.48
N THR B 153 28.53 21.46 4.50
CA THR B 153 29.43 22.60 4.38
C THR B 153 28.86 23.87 5.00
N GLY B 154 28.09 23.74 6.07
CA GLY B 154 27.48 24.89 6.72
C GLY B 154 26.21 25.38 6.03
N MET C 1 -34.38 -4.14 -19.80
CA MET C 1 -33.03 -4.54 -19.39
C MET C 1 -32.95 -6.01 -19.05
N LYS C 2 -31.77 -6.59 -19.25
CA LYS C 2 -31.52 -7.95 -18.80
C LYS C 2 -30.98 -7.92 -17.39
N ARG C 3 -31.32 -8.95 -16.61
CA ARG C 3 -30.93 -9.02 -15.21
C ARG C 3 -29.55 -9.69 -15.12
N LYS C 4 -28.53 -8.89 -15.41
CA LYS C 4 -27.15 -9.38 -15.42
C LYS C 4 -26.64 -9.56 -13.99
N ILE C 5 -25.55 -10.34 -13.88
CA ILE C 5 -24.91 -10.63 -12.60
C ILE C 5 -23.63 -9.81 -12.50
N ILE C 6 -23.51 -9.03 -11.41
CA ILE C 6 -22.33 -8.22 -11.14
C ILE C 6 -21.67 -8.75 -9.87
N PHE C 7 -20.38 -9.08 -9.97
CA PHE C 7 -19.56 -9.41 -8.82
C PHE C 7 -18.97 -8.13 -8.26
N LEU C 8 -19.39 -7.73 -7.06
CA LEU C 8 -18.97 -6.47 -6.45
C LEU C 8 -17.72 -6.71 -5.62
N ALA C 9 -16.55 -6.56 -6.25
CA ALA C 9 -15.27 -6.74 -5.57
C ALA C 9 -14.86 -5.44 -4.90
N SER C 10 -14.62 -5.49 -3.59
CA SER C 10 -14.28 -4.30 -2.83
C SER C 10 -13.53 -4.72 -1.58
N PRO C 11 -12.74 -3.81 -1.00
CA PRO C 11 -12.16 -4.07 0.32
C PRO C 11 -13.02 -3.61 1.48
N TYR C 12 -14.23 -3.12 1.22
CA TYR C 12 -15.06 -2.49 2.24
C TYR C 12 -15.53 -3.46 3.32
N GLY C 13 -15.40 -4.77 3.11
CA GLY C 13 -15.80 -5.73 4.13
C GLY C 13 -14.79 -5.95 5.24
N PHE C 14 -13.53 -5.52 5.02
CA PHE C 14 -12.49 -5.72 6.03
C PHE C 14 -12.66 -4.81 7.24
N SER C 15 -13.35 -3.69 7.10
CA SER C 15 -13.61 -2.75 8.18
C SER C 15 -15.05 -2.87 8.64
N GLN C 16 -15.26 -2.86 9.96
CA GLN C 16 -16.61 -2.97 10.50
C GLN C 16 -17.48 -1.80 10.06
N GLN C 17 -16.94 -0.58 10.11
CA GLN C 17 -17.72 0.60 9.75
C GLN C 17 -17.96 0.67 8.24
N GLN C 18 -17.02 0.21 7.42
CA GLN C 18 -17.20 0.29 5.98
C GLN C 18 -18.18 -0.78 5.49
N LYS C 19 -18.15 -1.98 6.07
CA LYS C 19 -19.10 -3.01 5.68
C LYS C 19 -20.54 -2.58 5.95
N THR C 20 -20.76 -1.79 7.01
CA THR C 20 -22.08 -1.35 7.42
C THR C 20 -22.55 -0.10 6.66
N LEU C 21 -21.66 0.89 6.49
CA LEU C 21 -22.10 2.18 5.96
C LEU C 21 -21.76 2.42 4.50
N LEU C 22 -20.74 1.73 3.95
CA LEU C 22 -20.28 2.02 2.59
C LEU C 22 -20.76 1.00 1.57
N LEU C 23 -20.76 -0.29 1.90
CA LEU C 23 -21.16 -1.33 0.97
C LEU C 23 -22.66 -1.32 0.64
N PRO C 24 -23.56 -1.13 1.60
CA PRO C 24 -25.00 -1.13 1.26
C PRO C 24 -25.38 -0.05 0.27
N PRO C 25 -24.87 1.18 0.37
CA PRO C 25 -25.22 2.18 -0.65
C PRO C 25 -24.76 1.83 -2.05
N ILE C 26 -23.63 1.15 -2.21
CA ILE C 26 -23.19 0.73 -3.53
C ILE C 26 -24.04 -0.44 -4.03
N VAL C 27 -24.38 -1.36 -3.14
CA VAL C 27 -25.25 -2.47 -3.51
C VAL C 27 -26.62 -1.96 -3.94
N ARG C 28 -27.17 -0.99 -3.20
CA ARG C 28 -28.46 -0.42 -3.55
C ARG C 28 -28.43 0.25 -4.92
N ALA C 29 -27.33 0.95 -5.23
CA ALA C 29 -27.22 1.62 -6.52
C ALA C 29 -27.20 0.61 -7.66
N LEU C 30 -26.52 -0.51 -7.48
CA LEU C 30 -26.47 -1.54 -8.52
C LEU C 30 -27.81 -2.24 -8.64
N GLU C 31 -28.46 -2.53 -7.52
CA GLU C 31 -29.77 -3.15 -7.54
C GLU C 31 -30.84 -2.23 -8.10
N ALA C 32 -30.65 -0.91 -7.98
CA ALA C 32 -31.57 0.05 -8.58
C ALA C 32 -31.54 0.01 -10.11
N LEU C 33 -30.56 -0.66 -10.70
CA LEU C 33 -30.49 -0.86 -12.15
C LEU C 33 -31.03 -2.22 -12.56
N GLY C 34 -31.60 -2.99 -11.62
CA GLY C 34 -32.09 -4.31 -11.95
C GLY C 34 -30.99 -5.33 -12.10
N ILE C 35 -29.90 -5.19 -11.35
CA ILE C 35 -28.75 -6.08 -11.41
C ILE C 35 -28.81 -7.03 -10.23
N GLU C 36 -28.44 -8.28 -10.46
CA GLU C 36 -28.24 -9.23 -9.36
C GLU C 36 -26.83 -9.05 -8.82
N VAL C 37 -26.72 -8.58 -7.59
CA VAL C 37 -25.43 -8.26 -6.99
C VAL C 37 -24.92 -9.46 -6.21
N TRP C 38 -23.71 -9.89 -6.53
CA TRP C 38 -23.00 -10.92 -5.77
C TRP C 38 -21.94 -10.22 -4.93
N GLU C 39 -22.28 -9.89 -3.68
CA GLU C 39 -21.38 -9.24 -2.77
C GLU C 39 -20.65 -10.32 -1.97
N PRO C 40 -19.33 -10.47 -2.14
CA PRO C 40 -18.66 -11.67 -1.58
C PRO C 40 -18.60 -11.71 -0.06
N PHE C 41 -18.59 -10.57 0.62
CA PHE C 41 -18.44 -10.61 2.08
C PHE C 41 -19.66 -11.21 2.76
N ALA C 42 -20.85 -11.02 2.20
CA ALA C 42 -22.06 -11.63 2.74
C ALA C 42 -22.38 -12.95 2.06
N ARG C 43 -21.99 -13.08 0.78
CA ARG C 43 -22.24 -14.29 0.02
C ARG C 43 -21.32 -15.43 0.43
N ASN C 44 -20.12 -15.12 0.92
CA ASN C 44 -19.16 -16.14 1.34
C ASN C 44 -18.92 -16.13 2.85
N ASN C 45 -19.61 -15.27 3.60
CA ASN C 45 -19.50 -15.21 5.06
C ASN C 45 -18.06 -14.93 5.50
N GLN C 46 -17.53 -13.79 5.03
CA GLN C 46 -16.23 -13.29 5.44
C GLN C 46 -16.47 -12.22 6.51
N ILE C 47 -16.65 -12.68 7.75
CA ILE C 47 -17.02 -11.78 8.84
C ILE C 47 -15.78 -11.21 9.53
N ASP C 48 -14.79 -12.06 9.80
CA ASP C 48 -13.59 -11.63 10.52
C ASP C 48 -12.39 -12.37 9.94
N PHE C 49 -11.30 -12.43 10.72
CA PHE C 49 -10.09 -13.13 10.30
C PHE C 49 -10.40 -14.57 9.95
N SER C 50 -10.37 -14.89 8.66
CA SER C 50 -10.78 -16.21 8.19
C SER C 50 -9.93 -17.30 8.82
N GLN C 51 -10.58 -18.31 9.37
CA GLN C 51 -9.86 -19.41 10.00
C GLN C 51 -9.00 -20.13 8.97
N ALA C 52 -8.04 -20.91 9.48
CA ALA C 52 -7.12 -21.61 8.60
C ALA C 52 -7.84 -22.67 7.76
N ASP C 53 -8.72 -23.45 8.37
CA ASP C 53 -9.47 -24.49 7.67
C ASP C 53 -10.59 -23.93 6.80
N TRP C 54 -10.77 -22.61 6.76
CA TRP C 54 -11.82 -21.98 5.98
C TRP C 54 -11.32 -21.13 4.82
N ALA C 55 -10.02 -20.80 4.80
CA ALA C 55 -9.53 -19.81 3.85
C ALA C 55 -9.57 -20.33 2.41
N TYR C 56 -9.28 -21.62 2.22
CA TYR C 56 -9.26 -22.16 0.86
C TYR C 56 -10.66 -22.13 0.24
N ARG C 57 -11.70 -22.32 1.06
CA ARG C 57 -13.05 -22.27 0.52
C ARG C 57 -13.48 -20.84 0.21
N VAL C 58 -13.04 -19.88 1.03
CA VAL C 58 -13.33 -18.47 0.73
C VAL C 58 -12.67 -18.08 -0.59
N ALA C 59 -11.46 -18.56 -0.83
CA ALA C 59 -10.77 -18.25 -2.08
C ALA C 59 -11.50 -18.87 -3.26
N GLN C 60 -11.82 -20.17 -3.17
CA GLN C 60 -12.46 -20.85 -4.30
C GLN C 60 -13.87 -20.33 -4.55
N ALA C 61 -14.56 -19.85 -3.52
CA ALA C 61 -15.88 -19.27 -3.72
C ALA C 61 -15.79 -17.95 -4.50
N ASP C 62 -14.88 -17.05 -4.08
CA ASP C 62 -14.62 -15.85 -4.87
C ASP C 62 -14.28 -16.20 -6.30
N LEU C 63 -13.45 -17.23 -6.49
CA LEU C 63 -13.02 -17.63 -7.83
C LEU C 63 -14.18 -18.17 -8.65
N GLN C 64 -15.07 -18.95 -8.02
CA GLN C 64 -16.22 -19.48 -8.74
C GLN C 64 -17.21 -18.37 -9.11
N ASP C 65 -17.45 -17.44 -8.19
CA ASP C 65 -18.36 -16.34 -8.47
C ASP C 65 -17.85 -15.47 -9.61
N VAL C 66 -16.53 -15.29 -9.71
CA VAL C 66 -15.99 -14.54 -10.83
C VAL C 66 -16.15 -15.32 -12.13
N LYS C 67 -16.04 -16.65 -12.07
CA LYS C 67 -16.19 -17.45 -13.28
C LYS C 67 -17.63 -17.50 -13.77
N ASN C 68 -18.59 -17.49 -12.85
CA ASN C 68 -20.00 -17.67 -13.20
C ASN C 68 -20.76 -16.36 -13.34
N CYS C 69 -20.10 -15.22 -13.18
CA CYS C 69 -20.77 -13.94 -13.30
C CYS C 69 -20.71 -13.42 -14.74
N ASP C 70 -21.45 -12.35 -14.99
CA ASP C 70 -21.44 -11.66 -16.28
C ASP C 70 -20.44 -10.50 -16.30
N GLY C 71 -20.31 -9.78 -15.18
CA GLY C 71 -19.38 -8.68 -15.11
C GLY C 71 -18.92 -8.47 -13.68
N ILE C 72 -17.86 -7.66 -13.54
CA ILE C 72 -17.32 -7.30 -12.24
C ILE C 72 -17.38 -5.79 -12.07
N PHE C 73 -17.75 -5.36 -10.87
CA PHE C 73 -17.77 -3.95 -10.47
C PHE C 73 -16.71 -3.81 -9.39
N ALA C 74 -15.52 -3.37 -9.79
CA ALA C 74 -14.35 -3.40 -8.93
C ALA C 74 -14.19 -2.06 -8.23
N VAL C 75 -14.39 -2.04 -6.93
CA VAL C 75 -14.11 -0.85 -6.13
C VAL C 75 -12.60 -0.79 -5.95
N VAL C 76 -11.96 0.15 -6.65
CA VAL C 76 -10.50 0.20 -6.69
C VAL C 76 -10.00 1.42 -5.92
N ASN C 77 -10.69 1.77 -4.84
CA ASN C 77 -10.20 2.82 -3.96
C ASN C 77 -8.95 2.36 -3.23
N GLY C 78 -8.20 3.32 -2.72
CA GLY C 78 -7.02 3.06 -1.92
C GLY C 78 -5.73 3.33 -2.68
N THR C 79 -4.66 3.50 -1.92
CA THR C 79 -3.31 3.62 -2.48
C THR C 79 -2.44 2.52 -1.87
N PRO C 80 -2.24 1.39 -2.56
CA PRO C 80 -2.79 1.02 -3.87
C PRO C 80 -4.15 0.33 -3.74
N PRO C 81 -4.81 0.00 -4.84
CA PRO C 81 -6.04 -0.80 -4.74
C PRO C 81 -5.78 -2.15 -4.07
N ASP C 82 -6.86 -2.72 -3.52
CA ASP C 82 -6.75 -3.96 -2.76
C ASP C 82 -6.28 -5.10 -3.65
N GLU C 83 -5.34 -5.89 -3.13
CA GLU C 83 -4.74 -6.96 -3.94
C GLU C 83 -5.73 -8.09 -4.21
N GLY C 84 -6.70 -8.31 -3.32
CA GLY C 84 -7.73 -9.30 -3.59
C GLY C 84 -8.69 -8.85 -4.68
N VAL C 85 -9.04 -7.57 -4.68
CA VAL C 85 -9.81 -7.01 -5.78
C VAL C 85 -9.02 -7.08 -7.08
N MET C 86 -7.70 -6.88 -7.01
CA MET C 86 -6.89 -6.86 -8.22
C MET C 86 -6.76 -8.25 -8.82
N VAL C 87 -6.65 -9.28 -7.98
CA VAL C 87 -6.62 -10.66 -8.49
C VAL C 87 -7.95 -10.99 -9.15
N GLU C 88 -9.06 -10.76 -8.44
CA GLU C 88 -10.37 -11.06 -8.99
C GLU C 88 -10.63 -10.25 -10.27
N LEU C 89 -10.07 -9.03 -10.36
CA LEU C 89 -10.20 -8.23 -11.57
C LEU C 89 -9.37 -8.81 -12.72
N GLY C 90 -8.21 -9.38 -12.41
CA GLY C 90 -7.43 -10.05 -13.43
C GLY C 90 -8.13 -11.28 -13.98
N MET C 91 -8.77 -12.05 -13.09
CA MET C 91 -9.55 -13.20 -13.55
C MET C 91 -10.66 -12.76 -14.50
N ALA C 92 -11.33 -11.65 -14.19
CA ALA C 92 -12.45 -11.21 -15.01
C ALA C 92 -11.99 -10.77 -16.40
N ILE C 93 -10.82 -10.14 -16.48
CA ILE C 93 -10.31 -9.70 -17.78
C ILE C 93 -9.98 -10.91 -18.65
N ALA C 94 -9.34 -11.93 -18.09
CA ALA C 94 -8.93 -13.08 -18.86
C ALA C 94 -10.12 -13.95 -19.27
N LEU C 95 -11.19 -13.92 -18.48
CA LEU C 95 -12.41 -14.66 -18.78
C LEU C 95 -13.38 -13.86 -19.64
N ASN C 96 -12.96 -12.69 -20.13
CA ASN C 96 -13.77 -11.86 -21.03
C ASN C 96 -15.09 -11.44 -20.40
N LYS C 97 -15.07 -11.20 -19.09
CA LYS C 97 -16.21 -10.62 -18.41
C LYS C 97 -16.25 -9.11 -18.63
N ALA C 98 -17.44 -8.53 -18.45
CA ALA C 98 -17.57 -7.08 -18.49
C ALA C 98 -16.83 -6.45 -17.30
N ILE C 99 -16.20 -5.30 -17.54
CA ILE C 99 -15.32 -4.68 -16.56
C ILE C 99 -15.83 -3.27 -16.26
N PHE C 100 -16.08 -3.00 -14.98
CA PHE C 100 -16.48 -1.67 -14.52
C PHE C 100 -15.69 -1.33 -13.26
N LEU C 101 -15.11 -0.14 -13.23
CA LEU C 101 -14.25 0.29 -12.13
C LEU C 101 -14.89 1.45 -11.37
N PHE C 102 -14.69 1.45 -10.05
CA PHE C 102 -15.24 2.47 -9.18
C PHE C 102 -14.15 3.04 -8.29
N ARG C 103 -13.98 4.35 -8.33
CA ARG C 103 -13.03 5.03 -7.44
C ARG C 103 -13.50 6.46 -7.22
N ASP C 104 -13.96 6.76 -5.99
CA ASP C 104 -14.27 8.12 -5.56
C ASP C 104 -13.15 8.74 -4.73
N ASP C 105 -12.00 8.06 -4.67
CA ASP C 105 -10.81 8.57 -4.01
C ASP C 105 -10.05 9.50 -4.98
N PHE C 106 -9.80 10.73 -4.57
CA PHE C 106 -9.22 11.72 -5.47
C PHE C 106 -7.69 11.68 -5.51
N ARG C 107 -7.06 10.76 -4.79
CA ARG C 107 -5.61 10.59 -4.90
C ARG C 107 -5.24 9.82 -6.16
N ARG C 108 -4.15 10.23 -6.79
CA ARG C 108 -3.62 9.54 -7.96
C ARG C 108 -2.50 8.60 -7.53
N CYS C 109 -2.65 7.32 -7.82
CA CYS C 109 -1.65 6.28 -7.55
C CYS C 109 -1.41 5.55 -8.87
N SER C 110 -0.57 6.15 -9.72
CA SER C 110 -0.46 5.74 -11.11
C SER C 110 1.00 5.61 -11.51
N ASP C 111 1.21 4.87 -12.61
CA ASP C 111 2.53 4.73 -13.23
C ASP C 111 2.56 5.31 -14.65
N ASN C 112 1.60 6.17 -14.98
CA ASN C 112 1.44 6.66 -16.35
C ASN C 112 0.58 7.91 -16.32
N GLU C 113 0.50 8.59 -17.46
CA GLU C 113 -0.23 9.85 -17.55
C GLU C 113 -1.66 9.69 -18.05
N ARG C 114 -1.98 8.60 -18.74
CA ARG C 114 -3.30 8.43 -19.33
C ARG C 114 -4.36 8.09 -18.28
N TYR C 115 -4.14 7.00 -17.55
CA TYR C 115 -5.02 6.44 -16.54
C TYR C 115 -4.66 6.96 -15.15
N PRO C 116 -5.65 7.11 -14.28
CA PRO C 116 -5.39 7.61 -12.92
C PRO C 116 -4.78 6.56 -11.99
N LEU C 117 -4.70 5.29 -12.42
CA LEU C 117 -4.10 4.24 -11.63
C LEU C 117 -3.15 3.42 -12.48
N ASN C 118 -2.59 2.34 -11.92
CA ASN C 118 -1.74 1.44 -12.69
C ASN C 118 -2.45 0.98 -13.96
N LEU C 119 -1.76 1.11 -15.09
CA LEU C 119 -2.40 0.92 -16.39
C LEU C 119 -2.95 -0.48 -16.60
N MET C 120 -2.51 -1.47 -15.82
CA MET C 120 -2.99 -2.83 -16.03
C MET C 120 -4.45 -2.97 -15.61
N LEU C 121 -4.92 -2.14 -14.68
CA LEU C 121 -6.33 -2.17 -14.29
C LEU C 121 -7.25 -1.87 -15.46
N PHE C 122 -6.73 -1.27 -16.53
CA PHE C 122 -7.51 -0.86 -17.68
C PHE C 122 -7.22 -1.70 -18.91
N ALA C 123 -6.54 -2.85 -18.74
CA ALA C 123 -6.16 -3.67 -19.89
C ALA C 123 -7.37 -4.24 -20.60
N GLY C 124 -8.42 -4.61 -19.85
CA GLY C 124 -9.64 -5.15 -20.41
C GLY C 124 -10.63 -4.14 -20.94
N LEU C 125 -10.32 -2.85 -20.84
CA LEU C 125 -11.12 -1.72 -21.29
C LEU C 125 -10.61 -1.20 -22.63
N PRO C 126 -11.48 -0.60 -23.44
CA PRO C 126 -11.04 -0.08 -24.73
C PRO C 126 -10.04 1.05 -24.59
N GLU C 127 -9.25 1.24 -25.66
CA GLU C 127 -8.26 2.31 -25.67
C GLU C 127 -8.93 3.67 -25.59
N ILE C 128 -10.00 3.88 -26.37
CA ILE C 128 -10.79 5.10 -26.36
C ILE C 128 -12.12 4.82 -25.67
N GLY C 129 -12.56 5.75 -24.83
CA GLY C 129 -13.84 5.62 -24.18
C GLY C 129 -13.84 4.83 -22.89
N TRP C 130 -12.68 4.50 -22.34
CA TRP C 130 -12.64 3.75 -21.10
C TRP C 130 -13.22 4.55 -19.94
N GLU C 131 -13.34 5.87 -20.09
CA GLU C 131 -13.90 6.69 -19.02
C GLU C 131 -15.36 6.35 -18.75
N ASN C 132 -16.06 5.80 -19.75
CA ASN C 132 -17.46 5.42 -19.57
C ASN C 132 -17.62 4.25 -18.61
N TYR C 133 -16.57 3.44 -18.45
CA TYR C 133 -16.58 2.31 -17.53
C TYR C 133 -16.03 2.67 -16.16
N TYR C 134 -15.60 3.92 -15.97
CA TYR C 134 -14.89 4.36 -14.77
C TYR C 134 -15.80 5.32 -13.99
N TYR C 135 -16.23 4.89 -12.81
CA TYR C 135 -17.21 5.62 -12.01
C TYR C 135 -16.52 6.25 -10.81
N THR C 136 -16.77 7.55 -10.61
CA THR C 136 -16.13 8.32 -9.56
C THR C 136 -17.12 8.79 -8.50
N SER C 137 -18.37 8.35 -8.57
CA SER C 137 -19.38 8.73 -7.60
C SER C 137 -20.42 7.62 -7.53
N VAL C 138 -20.97 7.43 -6.33
CA VAL C 138 -22.05 6.46 -6.19
C VAL C 138 -23.26 6.89 -7.02
N ASP C 139 -23.51 8.21 -7.08
CA ASP C 139 -24.63 8.72 -7.84
C ASP C 139 -24.45 8.52 -9.35
N GLU C 140 -23.20 8.45 -9.81
CA GLU C 140 -22.92 8.26 -11.23
C GLU C 140 -23.22 6.84 -11.71
N ILE C 141 -23.58 5.93 -10.81
CA ILE C 141 -23.75 4.53 -11.19
C ILE C 141 -24.99 4.33 -12.07
N GLN C 142 -26.03 5.16 -11.88
CA GLN C 142 -27.29 4.99 -12.59
C GLN C 142 -27.41 5.91 -13.79
N SER C 143 -26.30 6.38 -14.35
CA SER C 143 -26.34 7.23 -15.53
C SER C 143 -26.51 6.37 -16.79
N HIS C 144 -27.46 6.76 -17.64
CA HIS C 144 -27.65 6.15 -18.95
C HIS C 144 -26.42 6.29 -19.83
N ASP C 145 -25.67 7.39 -19.70
CA ASP C 145 -24.53 7.66 -20.57
C ASP C 145 -23.29 6.87 -20.20
N LYS C 146 -23.35 6.05 -19.16
CA LYS C 146 -22.22 5.24 -18.73
C LYS C 146 -22.38 3.81 -19.23
N ALA C 147 -21.27 3.07 -19.15
CA ALA C 147 -21.19 1.78 -19.82
C ALA C 147 -22.02 0.71 -19.12
N LEU C 148 -22.19 0.80 -17.79
CA LEU C 148 -22.95 -0.23 -17.09
C LEU C 148 -24.41 -0.23 -17.51
N TYR C 149 -25.00 0.96 -17.68
CA TYR C 149 -26.37 1.06 -18.16
C TYR C 149 -26.49 0.49 -19.57
N LYS C 150 -25.66 0.97 -20.51
CA LYS C 150 -25.70 0.48 -21.87
C LYS C 150 -25.46 -1.03 -21.93
N TRP C 151 -24.62 -1.55 -21.03
CA TRP C 151 -24.35 -2.98 -21.00
C TRP C 151 -25.61 -3.77 -20.67
N LEU C 152 -26.47 -3.20 -19.83
CA LEU C 152 -27.71 -3.87 -19.45
C LEU C 152 -28.73 -3.88 -20.58
N THR C 153 -28.77 -2.82 -21.40
CA THR C 153 -29.76 -2.66 -22.45
C THR C 153 -29.30 -3.23 -23.79
N GLY C 154 -28.23 -4.04 -23.79
CA GLY C 154 -27.72 -4.61 -25.03
C GLY C 154 -27.50 -6.12 -24.95
N LYS D 4 -8.32 18.05 25.94
CA LYS D 4 -9.45 18.89 25.55
C LYS D 4 -9.54 19.04 24.04
N ILE D 5 -8.42 18.85 23.35
CA ILE D 5 -8.37 18.95 21.89
C ILE D 5 -7.71 17.69 21.33
N ILE D 6 -8.41 17.04 20.40
CA ILE D 6 -7.95 15.84 19.74
C ILE D 6 -7.86 16.11 18.24
N PHE D 7 -6.70 15.85 17.65
CA PHE D 7 -6.51 15.94 16.21
C PHE D 7 -6.87 14.59 15.61
N LEU D 8 -7.84 14.58 14.70
CA LEU D 8 -8.39 13.35 14.13
C LEU D 8 -7.72 13.11 12.78
N ALA D 9 -6.60 12.41 12.79
CA ALA D 9 -5.89 12.09 11.55
C ALA D 9 -6.55 10.88 10.89
N SER D 10 -6.98 11.03 9.64
CA SER D 10 -7.66 9.95 8.95
C SER D 10 -7.45 10.11 7.45
N PRO D 11 -7.46 9.01 6.70
CA PRO D 11 -7.57 9.10 5.24
C PRO D 11 -8.99 9.12 4.72
N TYR D 12 -9.98 9.28 5.60
CA TYR D 12 -11.38 9.19 5.21
C TYR D 12 -11.85 10.38 4.40
N GLY D 13 -11.14 11.50 4.45
CA GLY D 13 -11.48 12.64 3.63
C GLY D 13 -11.10 12.52 2.18
N PHE D 14 -10.36 11.49 1.80
CA PHE D 14 -9.93 11.35 0.41
C PHE D 14 -11.04 10.77 -0.47
N SER D 15 -11.94 9.98 0.10
CA SER D 15 -13.09 9.45 -0.62
C SER D 15 -14.32 10.28 -0.26
N GLN D 16 -15.10 10.65 -1.28
CA GLN D 16 -16.27 11.49 -1.03
C GLN D 16 -17.31 10.75 -0.20
N GLN D 17 -17.45 9.44 -0.44
CA GLN D 17 -18.39 8.64 0.36
C GLN D 17 -17.89 8.48 1.79
N GLN D 18 -16.58 8.28 1.97
CA GLN D 18 -16.06 8.02 3.32
C GLN D 18 -16.06 9.28 4.17
N LYS D 19 -15.82 10.44 3.57
CA LYS D 19 -15.83 11.69 4.33
C LYS D 19 -17.21 12.00 4.89
N THR D 20 -18.25 11.67 4.14
CA THR D 20 -19.62 12.00 4.55
C THR D 20 -20.26 10.92 5.41
N LEU D 21 -19.78 9.68 5.34
CA LEU D 21 -20.40 8.59 6.08
C LEU D 21 -19.58 8.09 7.26
N LEU D 22 -18.26 8.12 7.17
CA LEU D 22 -17.42 7.49 8.20
C LEU D 22 -16.93 8.49 9.24
N LEU D 23 -16.53 9.69 8.81
CA LEU D 23 -15.96 10.66 9.73
C LEU D 23 -16.99 11.21 10.72
N PRO D 24 -18.20 11.61 10.32
CA PRO D 24 -19.14 12.22 11.28
C PRO D 24 -19.44 11.31 12.46
N PRO D 25 -19.64 9.99 12.28
CA PRO D 25 -19.88 9.14 13.46
C PRO D 25 -18.70 9.11 14.43
N ILE D 26 -17.48 9.22 13.94
CA ILE D 26 -16.30 9.25 14.80
C ILE D 26 -16.16 10.61 15.46
N VAL D 27 -16.47 11.69 14.73
CA VAL D 27 -16.41 13.02 15.31
C VAL D 27 -17.43 13.17 16.43
N ARG D 28 -18.62 12.58 16.25
CA ARG D 28 -19.66 12.72 17.25
C ARG D 28 -19.28 12.04 18.56
N ALA D 29 -18.64 10.88 18.49
CA ALA D 29 -18.26 10.17 19.70
C ALA D 29 -17.19 10.91 20.48
N LEU D 30 -16.20 11.47 19.79
CA LEU D 30 -15.16 12.23 20.47
C LEU D 30 -15.72 13.47 21.13
N GLU D 31 -16.67 14.14 20.46
CA GLU D 31 -17.31 15.31 21.05
C GLU D 31 -18.24 14.94 22.20
N ALA D 32 -18.85 13.74 22.14
CA ALA D 32 -19.71 13.28 23.22
C ALA D 32 -18.94 13.07 24.51
N LEU D 33 -17.67 12.67 24.41
CA LEU D 33 -16.81 12.59 25.58
C LEU D 33 -16.47 13.98 26.13
N GLY D 34 -16.63 15.03 25.33
CA GLY D 34 -16.35 16.38 25.76
C GLY D 34 -15.07 16.95 25.15
N ILE D 35 -14.69 16.45 23.98
CA ILE D 35 -13.46 16.83 23.31
C ILE D 35 -13.79 17.75 22.15
N GLU D 36 -12.99 18.80 21.98
CA GLU D 36 -13.06 19.64 20.79
C GLU D 36 -12.24 18.98 19.69
N VAL D 37 -12.92 18.43 18.69
CA VAL D 37 -12.26 17.65 17.65
C VAL D 37 -11.69 18.59 16.58
N TRP D 38 -10.49 18.27 16.11
CA TRP D 38 -9.85 18.98 15.00
C TRP D 38 -9.75 18.01 13.82
N GLU D 39 -10.69 18.13 12.90
CA GLU D 39 -10.71 17.29 11.71
C GLU D 39 -10.02 18.01 10.57
N PRO D 40 -8.87 17.52 10.07
CA PRO D 40 -8.06 18.35 9.17
C PRO D 40 -8.71 18.65 7.83
N PHE D 41 -9.36 17.68 7.20
CA PHE D 41 -9.98 17.92 5.89
C PHE D 41 -11.01 19.04 5.96
N ALA D 42 -11.77 19.10 7.05
CA ALA D 42 -12.75 20.17 7.20
C ALA D 42 -12.10 21.45 7.72
N ARG D 43 -11.21 21.33 8.70
CA ARG D 43 -10.56 22.48 9.30
C ARG D 43 -9.76 23.25 8.25
N ASN D 44 -9.15 22.56 7.30
CA ASN D 44 -8.36 23.18 6.25
C ASN D 44 -9.18 23.43 4.99
N ASN D 45 -10.49 23.20 5.03
CA ASN D 45 -11.45 23.39 3.93
C ASN D 45 -10.83 23.16 2.55
N GLN D 46 -10.23 21.98 2.36
CA GLN D 46 -9.63 21.58 1.10
C GLN D 46 -9.78 20.07 0.98
N ILE D 47 -10.31 19.59 -0.15
CA ILE D 47 -10.65 18.18 -0.29
C ILE D 47 -10.44 17.66 -1.70
N ASP D 48 -9.73 18.42 -2.53
CA ASP D 48 -9.56 18.05 -3.92
C ASP D 48 -8.14 18.36 -4.34
N PHE D 49 -7.55 17.45 -5.15
CA PHE D 49 -6.16 17.48 -5.60
C PHE D 49 -5.55 18.86 -5.48
N SER D 50 -4.93 19.14 -4.32
CA SER D 50 -4.63 20.51 -3.92
C SER D 50 -3.84 21.23 -5.01
N GLN D 51 -4.34 22.39 -5.41
CA GLN D 51 -3.60 23.27 -6.30
C GLN D 51 -2.16 23.37 -5.83
N ALA D 52 -1.21 23.38 -6.78
CA ALA D 52 0.20 23.43 -6.42
C ALA D 52 0.50 24.60 -5.50
N ASP D 53 -0.19 25.73 -5.68
CA ASP D 53 -0.02 26.91 -4.84
C ASP D 53 -0.66 26.77 -3.46
N TRP D 54 -1.45 25.71 -3.22
CA TRP D 54 -2.13 25.50 -1.95
C TRP D 54 -1.56 24.34 -1.14
N ALA D 55 -0.79 23.45 -1.75
CA ALA D 55 -0.37 22.23 -1.06
C ALA D 55 0.52 22.53 0.14
N TYR D 56 1.46 23.48 0.00
CA TYR D 56 2.33 23.82 1.12
C TYR D 56 1.51 24.38 2.29
N ARG D 57 0.50 25.21 2.00
CA ARG D 57 -0.31 25.78 3.07
C ARG D 57 -1.07 24.71 3.82
N VAL D 58 -1.58 23.70 3.10
CA VAL D 58 -2.28 22.60 3.75
C VAL D 58 -1.32 21.83 4.66
N ALA D 59 -0.05 21.70 4.24
CA ALA D 59 0.92 20.97 5.05
C ALA D 59 1.23 21.71 6.35
N GLN D 60 1.55 23.01 6.26
CA GLN D 60 1.85 23.77 7.46
C GLN D 60 0.65 23.90 8.38
N ALA D 61 -0.56 23.89 7.82
CA ALA D 61 -1.76 24.03 8.64
C ALA D 61 -1.93 22.83 9.57
N ASP D 62 -1.81 21.61 9.03
CA ASP D 62 -1.91 20.43 9.88
C ASP D 62 -0.68 20.24 10.75
N LEU D 63 0.49 20.67 10.25
CA LEU D 63 1.70 20.61 11.07
C LEU D 63 1.54 21.44 12.33
N GLN D 64 0.96 22.63 12.21
CA GLN D 64 0.68 23.44 13.39
C GLN D 64 -0.48 22.88 14.21
N ASP D 65 -1.38 22.11 13.61
CA ASP D 65 -2.48 21.53 14.37
C ASP D 65 -1.98 20.44 15.32
N VAL D 66 -0.99 19.65 14.88
CA VAL D 66 -0.43 18.64 15.79
C VAL D 66 0.46 19.31 16.83
N LYS D 67 1.02 20.49 16.52
CA LYS D 67 1.81 21.21 17.51
C LYS D 67 0.93 21.83 18.60
N ASN D 68 -0.29 22.22 18.26
CA ASN D 68 -1.16 22.94 19.17
C ASN D 68 -2.31 22.11 19.74
N CYS D 69 -2.37 20.83 19.42
CA CYS D 69 -3.39 19.96 19.99
C CYS D 69 -2.90 19.38 21.31
N ASP D 70 -3.80 18.70 22.02
CA ASP D 70 -3.43 18.01 23.24
C ASP D 70 -3.16 16.53 23.02
N GLY D 71 -3.81 15.92 22.04
CA GLY D 71 -3.58 14.53 21.70
C GLY D 71 -4.01 14.29 20.28
N ILE D 72 -3.70 13.10 19.78
CA ILE D 72 -4.06 12.71 18.43
C ILE D 72 -4.90 11.45 18.50
N PHE D 73 -5.96 11.42 17.69
CA PHE D 73 -6.74 10.22 17.44
C PHE D 73 -6.49 9.87 15.97
N ALA D 74 -5.74 8.80 15.74
CA ALA D 74 -5.27 8.44 14.41
C ALA D 74 -6.00 7.19 13.93
N VAL D 75 -6.76 7.33 12.85
CA VAL D 75 -7.41 6.21 12.20
C VAL D 75 -6.33 5.48 11.40
N VAL D 76 -5.85 4.36 11.95
CA VAL D 76 -4.74 3.60 11.35
C VAL D 76 -5.28 2.38 10.61
N ASN D 77 -6.44 2.52 9.96
CA ASN D 77 -6.97 1.46 9.12
C ASN D 77 -6.23 1.39 7.79
N GLY D 78 -6.34 0.24 7.14
CA GLY D 78 -5.78 0.05 5.83
C GLY D 78 -4.52 -0.78 5.86
N THR D 79 -4.20 -1.36 4.70
CA THR D 79 -2.94 -2.08 4.51
C THR D 79 -2.18 -1.44 3.35
N PRO D 80 -1.19 -0.57 3.64
CA PRO D 80 -0.74 -0.13 4.97
C PRO D 80 -1.49 1.13 5.43
N PRO D 81 -1.32 1.57 6.68
CA PRO D 81 -1.94 2.83 7.11
C PRO D 81 -1.47 4.00 6.27
N ASP D 82 -2.31 5.04 6.23
CA ASP D 82 -2.03 6.19 5.39
C ASP D 82 -0.73 6.89 5.80
N GLU D 83 0.02 7.37 4.80
CA GLU D 83 1.35 7.93 5.08
C GLU D 83 1.25 9.28 5.80
N GLY D 84 0.28 10.12 5.41
CA GLY D 84 0.11 11.39 6.09
C GLY D 84 -0.32 11.24 7.53
N VAL D 85 -1.12 10.22 7.83
CA VAL D 85 -1.48 9.91 9.21
C VAL D 85 -0.24 9.54 10.00
N MET D 86 0.66 8.76 9.38
CA MET D 86 1.85 8.29 10.08
C MET D 86 2.84 9.42 10.31
N VAL D 87 2.94 10.36 9.37
CA VAL D 87 3.77 11.54 9.58
C VAL D 87 3.26 12.33 10.77
N GLU D 88 1.96 12.67 10.75
CA GLU D 88 1.34 13.37 11.87
C GLU D 88 1.38 12.56 13.16
N LEU D 89 1.46 11.23 13.08
CA LEU D 89 1.63 10.44 14.29
C LEU D 89 3.01 10.64 14.88
N GLY D 90 4.05 10.47 14.06
CA GLY D 90 5.41 10.60 14.55
C GLY D 90 5.70 11.98 15.12
N MET D 91 5.03 13.00 14.61
CA MET D 91 5.13 14.33 15.22
C MET D 91 4.54 14.33 16.62
N ALA D 92 3.33 13.77 16.77
CA ALA D 92 2.68 13.71 18.07
C ALA D 92 3.49 12.89 19.07
N ILE D 93 4.22 11.89 18.60
CA ILE D 93 5.07 11.11 19.50
C ILE D 93 6.29 11.90 19.92
N ALA D 94 6.91 12.63 18.97
CA ALA D 94 8.11 13.40 19.30
C ALA D 94 7.78 14.59 20.19
N LEU D 95 6.56 15.13 20.06
CA LEU D 95 6.10 16.26 20.85
C LEU D 95 5.37 15.84 22.12
N ASN D 96 5.45 14.56 22.48
CA ASN D 96 4.93 14.05 23.75
C ASN D 96 3.43 14.29 23.90
N LYS D 97 2.71 14.43 22.79
CA LYS D 97 1.26 14.52 22.85
C LYS D 97 0.67 13.15 23.20
N ALA D 98 -0.58 13.18 23.67
CA ALA D 98 -1.30 11.94 23.93
C ALA D 98 -1.59 11.21 22.63
N ILE D 99 -1.48 9.89 22.65
CA ILE D 99 -1.57 9.06 21.45
C ILE D 99 -2.75 8.10 21.60
N PHE D 100 -3.65 8.13 20.62
CA PHE D 100 -4.77 7.20 20.57
C PHE D 100 -4.90 6.67 19.15
N LEU D 101 -5.06 5.36 19.02
CA LEU D 101 -5.13 4.71 17.71
C LEU D 101 -6.49 4.05 17.52
N PHE D 102 -6.94 4.00 16.27
CA PHE D 102 -8.23 3.41 15.92
C PHE D 102 -8.06 2.53 14.69
N ARG D 103 -8.40 1.24 14.83
CA ARG D 103 -8.33 0.31 13.71
C ARG D 103 -9.42 -0.75 13.87
N ASP D 104 -10.47 -0.64 13.06
CA ASP D 104 -11.51 -1.67 12.99
C ASP D 104 -11.28 -2.63 11.82
N ASP D 105 -10.16 -2.50 11.13
CA ASP D 105 -9.80 -3.40 10.04
C ASP D 105 -9.24 -4.69 10.65
N PHE D 106 -9.82 -5.83 10.29
CA PHE D 106 -9.40 -7.09 10.88
C PHE D 106 -8.19 -7.72 10.19
N ARG D 107 -7.64 -7.07 9.17
CA ARG D 107 -6.44 -7.57 8.52
C ARG D 107 -5.20 -7.26 9.36
N ARG D 108 -4.26 -8.19 9.36
CA ARG D 108 -2.97 -7.99 10.01
C ARG D 108 -1.95 -7.52 8.98
N CYS D 109 -1.16 -6.52 9.35
CA CYS D 109 -0.12 -5.97 8.48
C CYS D 109 1.05 -5.49 9.36
N SER D 110 1.67 -6.43 10.08
CA SER D 110 2.70 -6.09 11.05
C SER D 110 4.05 -6.67 10.64
N ASP D 111 5.10 -6.14 11.29
CA ASP D 111 6.45 -6.65 11.16
C ASP D 111 6.94 -7.34 12.44
N ASN D 112 6.00 -7.82 13.26
CA ASN D 112 6.32 -8.46 14.53
C ASN D 112 5.14 -9.33 14.93
N GLU D 113 5.05 -9.69 16.22
CA GLU D 113 3.95 -10.47 16.74
C GLU D 113 3.17 -9.79 17.85
N ARG D 114 3.80 -8.93 18.65
CA ARG D 114 3.09 -8.25 19.73
C ARG D 114 2.03 -7.30 19.18
N TYR D 115 2.44 -6.39 18.33
CA TYR D 115 1.50 -5.37 17.88
C TYR D 115 0.83 -5.78 16.56
N PRO D 116 -0.43 -5.40 16.36
CA PRO D 116 -1.12 -5.74 15.12
C PRO D 116 -0.57 -5.02 13.89
N LEU D 117 0.22 -3.97 14.09
CA LEU D 117 0.77 -3.21 12.99
C LEU D 117 2.27 -3.08 13.14
N ASN D 118 2.92 -2.28 12.27
CA ASN D 118 4.34 -1.97 12.43
C ASN D 118 4.59 -1.44 13.84
N LEU D 119 5.58 -2.04 14.51
CA LEU D 119 5.84 -1.74 15.92
C LEU D 119 6.13 -0.27 16.19
N MET D 120 6.42 0.53 15.16
CA MET D 120 6.73 1.94 15.35
C MET D 120 5.48 2.79 15.58
N LEU D 121 4.29 2.30 15.25
CA LEU D 121 3.07 3.04 15.54
C LEU D 121 2.74 3.07 17.03
N PHE D 122 3.41 2.21 17.81
CA PHE D 122 3.16 2.07 19.24
C PHE D 122 4.34 2.55 20.08
N ALA D 123 5.20 3.40 19.51
CA ALA D 123 6.36 3.87 20.25
C ALA D 123 5.96 4.82 21.38
N GLY D 124 4.94 5.64 21.15
CA GLY D 124 4.44 6.54 22.18
C GLY D 124 3.54 5.91 23.22
N LEU D 125 3.26 4.61 23.08
CA LEU D 125 2.43 3.89 24.04
C LEU D 125 3.30 3.06 24.97
N PRO D 126 2.82 2.77 26.18
CA PRO D 126 3.63 1.98 27.13
C PRO D 126 3.82 0.55 26.65
N GLU D 127 4.88 -0.07 27.19
CA GLU D 127 5.16 -1.48 26.87
C GLU D 127 4.05 -2.39 27.37
N ILE D 128 3.42 -2.04 28.47
CA ILE D 128 2.30 -2.80 29.02
C ILE D 128 1.02 -1.97 28.89
N GLY D 129 -0.10 -2.66 28.71
CA GLY D 129 -1.39 -1.99 28.65
C GLY D 129 -1.52 -0.98 27.53
N TRP D 130 -0.80 -1.18 26.42
CA TRP D 130 -0.96 -0.33 25.25
C TRP D 130 -2.31 -0.52 24.59
N GLU D 131 -2.95 -1.67 24.82
CA GLU D 131 -4.22 -1.98 24.18
C GLU D 131 -5.36 -1.10 24.68
N ASN D 132 -5.23 -0.50 25.86
CA ASN D 132 -6.25 0.43 26.36
C ASN D 132 -6.34 1.68 25.51
N TYR D 133 -5.32 1.98 24.71
CA TYR D 133 -5.31 3.10 23.79
C TYR D 133 -5.71 2.68 22.38
N TYR D 134 -5.96 1.40 22.16
CA TYR D 134 -6.20 0.84 20.84
C TYR D 134 -7.69 0.54 20.69
N TYR D 135 -8.37 1.33 19.87
CA TYR D 135 -9.80 1.20 19.67
C TYR D 135 -10.09 0.39 18.40
N THR D 136 -10.97 -0.60 18.52
CA THR D 136 -11.31 -1.48 17.41
C THR D 136 -12.75 -1.28 16.91
N SER D 137 -13.47 -0.29 17.45
CA SER D 137 -14.83 -0.03 17.00
C SER D 137 -15.24 1.37 17.45
N VAL D 138 -16.24 1.92 16.75
CA VAL D 138 -16.74 3.25 17.12
C VAL D 138 -17.47 3.18 18.46
N ASP D 139 -18.14 2.07 18.74
CA ASP D 139 -18.84 1.88 20.02
C ASP D 139 -17.89 1.57 21.16
N GLU D 140 -16.58 1.73 20.97
CA GLU D 140 -15.62 1.64 22.05
C GLU D 140 -15.00 2.99 22.39
N ILE D 141 -15.26 4.02 21.58
CA ILE D 141 -14.69 5.34 21.84
C ILE D 141 -15.24 5.89 23.15
N GLN D 142 -16.51 5.62 23.44
CA GLN D 142 -17.15 6.11 24.66
C GLN D 142 -17.06 5.11 25.81
N SER D 143 -16.13 4.15 25.73
CA SER D 143 -15.94 3.19 26.81
C SER D 143 -15.19 3.86 27.98
N HIS D 144 -15.75 3.70 29.18
CA HIS D 144 -15.13 4.30 30.37
C HIS D 144 -13.88 3.55 30.81
N ASP D 145 -13.78 2.26 30.48
CA ASP D 145 -12.61 1.45 30.84
C ASP D 145 -11.46 1.61 29.87
N LYS D 146 -11.46 2.66 29.05
CA LYS D 146 -10.44 2.88 28.04
C LYS D 146 -9.76 4.22 28.24
N ALA D 147 -8.54 4.32 27.69
CA ALA D 147 -7.62 5.40 28.04
C ALA D 147 -8.12 6.78 27.63
N LEU D 148 -9.05 6.88 26.68
CA LEU D 148 -9.48 8.21 26.23
C LEU D 148 -10.38 8.87 27.28
N TYR D 149 -11.21 8.08 27.95
CA TYR D 149 -12.03 8.63 29.02
C TYR D 149 -11.17 8.98 30.24
N LYS D 150 -10.28 8.08 30.63
CA LYS D 150 -9.39 8.34 31.76
C LYS D 150 -8.49 9.54 31.51
N TRP D 151 -8.20 9.82 30.24
CA TRP D 151 -7.36 10.96 29.90
C TRP D 151 -8.04 12.29 30.23
N LEU D 152 -9.37 12.34 30.12
CA LEU D 152 -10.10 13.55 30.46
C LEU D 152 -10.41 13.63 31.94
N THR D 153 -10.43 12.50 32.64
CA THR D 153 -10.72 12.47 34.08
C THR D 153 -9.43 12.49 34.90
N GLY D 154 -8.52 13.39 34.54
CA GLY D 154 -7.24 13.50 35.24
C GLY D 154 -6.23 12.45 34.83
O5' IMH E . 2.76 -3.48 -11.94
C5' IMH E . 3.90 -4.15 -12.38
C4' IMH E . 3.48 -5.26 -13.32
N4' IMH E . 2.35 -4.93 -14.17
C3' IMH E . 4.64 -5.59 -14.25
O3' IMH E . 5.13 -6.87 -13.91
C2' IMH E . 4.09 -5.43 -15.68
O2' IMH E . 3.74 -6.65 -16.27
C1' IMH E . 2.81 -4.63 -15.52
C9 IMH E . 3.06 -3.17 -15.60
C8 IMH E . 2.38 -2.20 -14.92
N7 IMH E . 2.87 -0.98 -15.21
C5 IMH E . 3.89 -1.11 -16.09
C6 IMH E . 4.76 -0.23 -16.74
O6 IMH E . 4.76 1.10 -16.60
N1 IMH E . 5.67 -0.72 -17.55
C2 IMH E . 5.75 -2.04 -17.76
N3 IMH E . 4.99 -2.96 -17.21
C4 IMH E . 4.05 -2.49 -16.37
O5' IMH F . -4.05 11.88 5.53
C5' IMH F . -3.15 12.83 5.02
C4' IMH F . -2.94 13.90 6.07
N4' IMH F . -2.21 15.06 5.57
C3' IMH F . -4.28 14.48 6.54
O3' IMH F . -4.80 13.73 7.62
C2' IMH F . -3.96 15.95 6.83
O2' IMH F . -3.21 16.19 7.99
C1' IMH F . -3.04 16.26 5.67
C9 IMH F . -3.90 16.45 4.45
C8 IMH F . -3.80 15.83 3.23
N7 IMH F . -4.76 16.27 2.39
C5 IMH F . -5.53 17.19 3.03
C6 IMH F . -6.63 17.96 2.68
O6 IMH F . -7.20 17.91 1.47
N1 IMH F . -7.16 18.78 3.57
C2 IMH F . -6.61 18.84 4.79
N3 IMH F . -5.57 18.18 5.23
C4 IMH F . -5.03 17.33 4.34
#